data_8OG6
#
_entry.id   8OG6
#
_cell.length_a   82.228
_cell.length_b   82.228
_cell.length_c   237.782
_cell.angle_alpha   90.000
_cell.angle_beta   90.000
_cell.angle_gamma   120.000
#
_symmetry.space_group_name_H-M   'P 61 2 2'
#
loop_
_entity.id
_entity.type
_entity.pdbx_description
1 polymer 'DDB1- and CUL4-associated factor 1'
2 non-polymer 5-(2-fluorophenyl)-2,3-dihydroimidazo[2,1-a]isoquinoline
3 non-polymer 'ACETATE ION'
4 water water
#
_entity_poly.entity_id   1
_entity_poly.type   'polypeptide(L)'
_entity_poly.pdbx_seq_one_letter_code
;GGGREPKQRRQAPINFTSRLNRRASFPKYGGVDGGCFDRHLIFSRFRPISVFREANEDESGFTCCAFSARERFLMLGTCT
GQLKLYNVFSGQEEASYNCHNSAITHLEPSRDGSLLLTSATWSQPLSALWGMKSVFDMKHSFTEDHYVEFSKHSQDRVIG
TKGDIAHIYDIQTGNKLLTLFNPDLANNYKRNCATFNPTDDLVLNDGVLWDVRSALAIHKFDKFNMNISGVFHPNGLEVI
INTEIWDLRTFHLLHTVPALDQCRVVFNHTGTVMYGAMLQADDEDDLMEERMKSPFGSSFRTFNATDYKPIATIDVKRNI
FDLCTDTKDCYLAVIENQGSMDALNMDTVCRLYEVGRQRLAEDEDEE
;
_entity_poly.pdbx_strand_id   A
#
loop_
_chem_comp.id
_chem_comp.type
_chem_comp.name
_chem_comp.formula
ACT non-polymer 'ACETATE ION' 'C2 H3 O2 -1'
LQH non-polymer 5-(2-fluorophenyl)-2,3-dihydroimidazo[2,1-a]isoquinoline 'C17 H13 F N2'
#
# COMPACT_ATOMS: atom_id res chain seq x y z
N PHE A 46 16.60 10.30 -10.87
CA PHE A 46 15.15 10.58 -10.72
C PHE A 46 14.77 11.86 -11.48
N ARG A 47 14.63 11.67 -12.83
CA ARG A 47 14.19 12.71 -13.80
C ARG A 47 12.69 12.92 -13.54
N PRO A 48 12.28 14.12 -13.07
CA PRO A 48 10.87 14.50 -13.06
C PRO A 48 10.35 14.62 -14.51
N ILE A 49 9.25 13.95 -14.80
CA ILE A 49 8.52 13.87 -16.12
C ILE A 49 7.20 14.70 -16.11
N SER A 50 6.55 14.80 -14.96
CA SER A 50 5.15 15.31 -14.80
C SER A 50 4.80 15.59 -13.29
N VAL A 51 4.01 16.64 -13.16
CA VAL A 51 3.46 17.09 -11.86
C VAL A 51 2.03 17.51 -12.16
N PHE A 52 1.15 17.34 -11.18
CA PHE A 52 -0.21 17.89 -11.25
C PHE A 52 -0.91 17.85 -9.87
N ARG A 53 -1.88 18.73 -9.73
CA ARG A 53 -2.72 18.89 -8.53
C ARG A 53 -4.14 18.51 -8.93
N GLU A 54 -4.99 18.23 -7.94
CA GLU A 54 -6.42 17.90 -8.12
C GLU A 54 -7.13 19.06 -8.83
N ALA A 55 -7.87 18.77 -9.88
CA ALA A 55 -8.52 19.75 -10.76
C ALA A 55 -9.63 20.46 -9.97
N ASN A 56 -9.73 21.80 -10.11
CA ASN A 56 -10.90 22.60 -9.65
C ASN A 56 -10.96 22.64 -8.11
N GLU A 57 -9.82 22.48 -7.44
CA GLU A 57 -9.75 22.46 -5.97
C GLU A 57 -8.67 23.46 -5.54
N ASP A 58 -9.04 24.50 -4.83
CA ASP A 58 -8.06 25.48 -4.27
C ASP A 58 -7.21 24.73 -3.24
N GLU A 59 -7.79 23.69 -2.63
CA GLU A 59 -7.06 22.75 -1.76
C GLU A 59 -7.05 21.38 -2.43
N SER A 60 -5.92 21.03 -3.01
CA SER A 60 -5.66 19.73 -3.66
C SER A 60 -5.51 18.68 -2.57
N GLY A 61 -6.22 17.55 -2.73
CA GLY A 61 -6.43 16.61 -1.61
C GLY A 61 -6.14 15.16 -1.99
N PHE A 62 -5.19 14.97 -2.91
CA PHE A 62 -4.68 13.62 -3.18
C PHE A 62 -4.06 13.05 -1.90
N THR A 63 -4.40 11.76 -1.55
CA THR A 63 -3.95 11.02 -0.35
C THR A 63 -3.29 9.68 -0.71
N CYS A 64 -3.50 9.13 -1.90
CA CYS A 64 -2.85 7.85 -2.28
C CYS A 64 -2.88 7.75 -3.82
N CYS A 65 -2.09 6.82 -4.36
CA CYS A 65 -2.09 6.53 -5.82
C CYS A 65 -1.62 5.12 -6.18
N ALA A 66 -1.97 4.70 -7.40
CA ALA A 66 -1.68 3.38 -7.99
C ALA A 66 -1.93 3.45 -9.49
N PHE A 67 -1.05 2.91 -10.29
CA PHE A 67 -1.26 2.91 -11.75
C PHE A 67 -2.47 2.05 -12.09
N SER A 68 -3.30 2.49 -13.04
CA SER A 68 -4.40 1.63 -13.51
C SER A 68 -3.83 0.59 -14.47
N ALA A 69 -4.56 -0.49 -14.67
CA ALA A 69 -4.27 -1.52 -15.67
C ALA A 69 -4.24 -0.86 -17.05
N ARG A 70 -4.88 0.31 -17.24
CA ARG A 70 -4.82 1.10 -18.50
C ARG A 70 -3.55 1.97 -18.49
N GLU A 71 -2.61 1.68 -19.38
CA GLU A 71 -1.37 2.48 -19.59
C GLU A 71 -1.74 3.98 -19.67
N ARG A 72 -0.92 4.84 -19.06
CA ARG A 72 -0.96 6.32 -19.18
C ARG A 72 -1.87 6.92 -18.08
N PHE A 73 -2.59 6.11 -17.28
CA PHE A 73 -3.59 6.60 -16.28
C PHE A 73 -3.30 6.15 -14.84
N LEU A 74 -3.23 7.14 -13.98
CA LEU A 74 -3.02 6.94 -12.54
C LEU A 74 -4.39 7.04 -11.85
N MET A 75 -4.62 6.18 -10.88
CA MET A 75 -5.79 6.27 -9.95
C MET A 75 -5.35 6.93 -8.64
N LEU A 76 -6.11 7.92 -8.18
CA LEU A 76 -5.80 8.60 -6.88
C LEU A 76 -7.06 8.61 -5.98
N GLY A 77 -6.85 8.39 -4.70
CA GLY A 77 -7.84 8.63 -3.65
C GLY A 77 -7.67 10.05 -3.17
N THR A 78 -8.72 10.59 -2.53
CA THR A 78 -8.70 11.99 -2.03
C THR A 78 -9.18 12.03 -0.60
N CYS A 79 -8.98 13.20 0.00
CA CYS A 79 -9.35 13.43 1.39
C CYS A 79 -10.91 13.52 1.48
N THR A 80 -11.68 13.67 0.38
CA THR A 80 -13.18 13.69 0.44
C THR A 80 -13.72 12.27 0.09
N GLY A 81 -12.83 11.29 0.02
CA GLY A 81 -13.19 9.91 -0.28
C GLY A 81 -13.53 9.69 -1.75
N GLN A 82 -13.04 10.51 -2.65
CA GLN A 82 -13.21 10.31 -4.10
C GLN A 82 -12.08 9.49 -4.73
N LEU A 83 -12.46 8.72 -5.74
N LEU A 83 -12.40 8.81 -5.83
CA LEU A 83 -11.57 7.99 -6.66
CA LEU A 83 -11.45 7.99 -6.60
C LEU A 83 -11.52 8.77 -7.98
C LEU A 83 -11.44 8.51 -8.04
N LYS A 84 -10.27 9.17 -8.34
CA LYS A 84 -10.08 9.92 -9.59
C LYS A 84 -9.13 9.19 -10.51
N LEU A 85 -9.41 9.29 -11.78
CA LEU A 85 -8.55 8.73 -12.84
C LEU A 85 -7.96 9.93 -13.54
N TYR A 86 -6.63 10.06 -13.52
CA TYR A 86 -5.90 11.15 -14.19
C TYR A 86 -5.07 10.53 -15.29
N ASN A 87 -5.04 11.22 -16.43
CA ASN A 87 -3.86 11.07 -17.30
C ASN A 87 -2.60 11.54 -16.40
N VAL A 88 -1.70 10.68 -16.24
CA VAL A 88 -0.36 10.90 -15.54
C VAL A 88 0.58 11.87 -16.30
N PHE A 89 0.52 12.00 -17.65
CA PHE A 89 1.43 12.88 -18.43
C PHE A 89 0.82 14.28 -18.60
N SER A 90 -0.47 14.37 -18.96
CA SER A 90 -1.17 15.66 -19.20
C SER A 90 -1.70 16.27 -17.88
N GLY A 91 -1.84 15.48 -16.82
CA GLY A 91 -2.53 15.87 -15.56
C GLY A 91 -4.08 16.03 -15.63
N GLN A 92 -4.69 15.61 -16.76
CA GLN A 92 -6.14 15.73 -17.08
C GLN A 92 -6.93 14.77 -16.17
N GLU A 93 -7.90 15.28 -15.45
CA GLU A 93 -8.90 14.42 -14.78
C GLU A 93 -9.85 13.77 -15.83
N GLU A 94 -9.96 12.44 -15.87
CA GLU A 94 -10.79 11.68 -16.85
C GLU A 94 -12.09 11.17 -16.20
N ALA A 95 -12.06 10.77 -14.92
CA ALA A 95 -13.23 10.24 -14.21
C ALA A 95 -13.09 10.54 -12.70
N SER A 96 -14.25 10.47 -12.05
CA SER A 96 -14.43 10.78 -10.62
C SER A 96 -15.57 9.96 -10.03
N TYR A 97 -15.46 9.33 -8.87
CA TYR A 97 -16.55 8.60 -8.18
C TYR A 97 -16.37 8.79 -6.67
N ASN A 98 -17.48 8.91 -5.96
CA ASN A 98 -17.45 9.06 -4.48
C ASN A 98 -17.56 7.68 -3.85
N CYS A 99 -16.44 7.14 -3.38
CA CYS A 99 -16.37 5.80 -2.80
C CYS A 99 -16.76 5.88 -1.32
N HIS A 100 -16.44 6.97 -0.64
CA HIS A 100 -16.52 7.07 0.85
C HIS A 100 -16.69 8.54 1.27
N ASN A 101 -17.31 8.73 2.42
CA ASN A 101 -17.61 10.04 3.01
C ASN A 101 -16.56 10.33 4.11
N SER A 102 -15.44 9.68 4.03
CA SER A 102 -14.22 10.12 4.76
C SER A 102 -13.03 9.91 3.80
N ALA A 103 -11.84 10.34 4.20
CA ALA A 103 -10.63 10.29 3.36
C ALA A 103 -10.27 8.87 2.96
N ILE A 104 -9.79 8.72 1.72
CA ILE A 104 -9.16 7.45 1.28
C ILE A 104 -7.77 7.33 1.92
N THR A 105 -7.42 6.15 2.48
CA THR A 105 -6.10 5.82 3.08
C THR A 105 -5.33 4.83 2.21
N HIS A 106 -5.97 4.13 1.28
CA HIS A 106 -5.35 3.01 0.54
C HIS A 106 -6.26 2.67 -0.63
N LEU A 107 -5.67 2.27 -1.75
CA LEU A 107 -6.39 1.67 -2.89
C LEU A 107 -5.45 0.68 -3.59
N GLU A 108 -6.02 -0.33 -4.23
CA GLU A 108 -5.33 -1.37 -5.01
C GLU A 108 -6.20 -1.88 -6.16
N PRO A 109 -5.83 -1.54 -7.40
CA PRO A 109 -6.49 -2.08 -8.58
C PRO A 109 -6.06 -3.53 -8.92
N SER A 110 -6.99 -4.34 -9.36
CA SER A 110 -6.75 -5.73 -9.80
C SER A 110 -6.09 -5.74 -11.27
N ARG A 111 -5.17 -6.68 -11.46
CA ARG A 111 -4.23 -6.66 -12.65
C ARG A 111 -5.01 -6.83 -14.02
N ASP A 112 -6.13 -7.54 -14.02
CA ASP A 112 -7.09 -7.56 -15.18
C ASP A 112 -7.89 -6.27 -15.43
N GLY A 113 -7.90 -5.27 -14.53
CA GLY A 113 -8.60 -4.00 -14.81
C GLY A 113 -10.12 -4.03 -14.52
N SER A 114 -10.62 -5.07 -13.83
CA SER A 114 -12.08 -5.22 -13.54
C SER A 114 -12.47 -4.79 -12.09
N LEU A 115 -11.56 -4.84 -11.11
CA LEU A 115 -11.88 -4.63 -9.68
C LEU A 115 -10.96 -3.58 -9.01
N LEU A 116 -11.43 -3.03 -7.90
CA LEU A 116 -10.69 -2.00 -7.14
C LEU A 116 -11.00 -2.18 -5.65
N LEU A 117 -9.96 -2.24 -4.81
CA LEU A 117 -10.14 -2.18 -3.33
C LEU A 117 -9.94 -0.75 -2.85
N THR A 118 -10.71 -0.29 -1.87
CA THR A 118 -10.48 1.00 -1.17
C THR A 118 -10.56 0.83 0.35
N SER A 119 -9.84 1.68 1.11
CA SER A 119 -10.00 1.84 2.57
C SER A 119 -10.12 3.34 2.89
N ALA A 120 -11.00 3.66 3.82
CA ALA A 120 -11.30 5.05 4.19
C ALA A 120 -10.70 5.29 5.60
N THR A 121 -11.17 6.27 6.33
CA THR A 121 -10.66 6.63 7.67
C THR A 121 -11.67 6.33 8.78
N TRP A 122 -12.87 6.92 8.74
CA TRP A 122 -13.95 6.76 9.77
C TRP A 122 -15.27 6.62 9.00
N SER A 123 -15.43 5.62 8.17
CA SER A 123 -16.63 5.40 7.34
C SER A 123 -17.13 4.03 7.74
N GLN A 124 -18.42 3.84 7.75
CA GLN A 124 -18.96 2.44 7.83
C GLN A 124 -19.77 2.24 6.55
N PRO A 125 -19.38 1.30 5.66
CA PRO A 125 -18.22 0.42 5.85
C PRO A 125 -16.86 1.09 5.62
N LEU A 126 -15.82 0.56 6.23
CA LEU A 126 -14.47 1.16 6.27
C LEU A 126 -13.70 0.82 4.97
N SER A 127 -13.91 -0.37 4.39
CA SER A 127 -13.21 -0.80 3.15
C SER A 127 -14.26 -1.34 2.17
N ALA A 128 -13.98 -1.32 0.87
CA ALA A 128 -14.93 -1.90 -0.10
C ALA A 128 -14.21 -2.45 -1.33
N LEU A 129 -14.97 -3.23 -2.10
CA LEU A 129 -14.55 -3.79 -3.42
C LEU A 129 -15.53 -3.29 -4.47
N TRP A 130 -15.01 -2.62 -5.50
CA TRP A 130 -15.73 -1.97 -6.60
C TRP A 130 -15.46 -2.71 -7.93
N GLY A 131 -16.52 -2.97 -8.71
CA GLY A 131 -16.42 -3.31 -10.13
C GLY A 131 -16.12 -2.06 -10.95
N MET A 132 -15.29 -2.17 -12.00
CA MET A 132 -15.12 -1.07 -12.99
C MET A 132 -15.34 -1.53 -14.42
N LYS A 133 -16.18 -2.55 -14.66
CA LYS A 133 -16.55 -3.07 -16.01
C LYS A 133 -17.85 -2.39 -16.47
N SER A 134 -17.74 -1.45 -17.41
CA SER A 134 -18.86 -0.55 -17.83
C SER A 134 -19.12 0.39 -16.65
N VAL A 135 -20.12 0.05 -15.84
CA VAL A 135 -20.57 0.87 -14.68
C VAL A 135 -19.58 0.63 -13.52
N PHE A 136 -19.18 1.73 -12.87
CA PHE A 136 -18.45 1.71 -11.57
C PHE A 136 -19.48 1.48 -10.45
N ASP A 137 -19.36 0.39 -9.69
CA ASP A 137 -20.41 -0.06 -8.72
C ASP A 137 -19.75 -0.83 -7.56
N MET A 138 -20.39 -0.82 -6.40
CA MET A 138 -19.90 -1.51 -5.19
C MET A 138 -20.28 -2.98 -5.34
N LYS A 139 -19.28 -3.87 -5.29
CA LYS A 139 -19.47 -5.33 -5.27
C LYS A 139 -19.75 -5.76 -3.83
N HIS A 140 -18.85 -5.48 -2.90
CA HIS A 140 -18.90 -5.98 -1.49
C HIS A 140 -18.27 -4.93 -0.56
N SER A 141 -18.61 -4.98 0.71
CA SER A 141 -18.08 -4.02 1.69
C SER A 141 -17.53 -4.86 2.83
N PHE A 142 -16.53 -4.35 3.53
CA PHE A 142 -15.81 -5.01 4.67
C PHE A 142 -15.95 -4.04 5.85
N THR A 143 -16.93 -4.32 6.69
CA THR A 143 -17.49 -3.30 7.59
C THR A 143 -16.31 -2.58 8.33
N GLU A 144 -15.53 -3.33 9.12
CA GLU A 144 -14.63 -2.70 10.11
C GLU A 144 -13.14 -2.88 9.71
N ASP A 145 -12.83 -3.47 8.56
CA ASP A 145 -11.43 -3.77 8.11
C ASP A 145 -10.80 -2.44 7.65
N HIS A 146 -9.70 -2.03 8.27
CA HIS A 146 -9.12 -0.67 8.05
C HIS A 146 -8.14 -0.76 6.89
N TYR A 147 -7.91 -1.94 6.33
CA TYR A 147 -6.92 -2.18 5.27
C TYR A 147 -7.31 -3.48 4.56
N VAL A 148 -7.16 -3.52 3.22
CA VAL A 148 -7.40 -4.72 2.39
C VAL A 148 -6.33 -4.81 1.28
N GLU A 149 -6.02 -6.02 0.87
CA GLU A 149 -5.27 -6.30 -0.38
C GLU A 149 -6.00 -7.43 -1.14
N PHE A 150 -5.69 -7.56 -2.43
CA PHE A 150 -5.89 -8.80 -3.22
C PHE A 150 -4.79 -9.80 -2.87
N SER A 151 -5.12 -11.08 -3.03
CA SER A 151 -4.18 -12.21 -3.18
C SER A 151 -3.30 -11.78 -4.38
N LYS A 152 -2.19 -12.50 -4.61
CA LYS A 152 -1.19 -12.08 -5.62
C LYS A 152 -1.23 -12.97 -6.87
N HIS A 153 -1.03 -14.30 -6.64
CA HIS A 153 -0.86 -15.27 -7.76
C HIS A 153 -2.20 -15.22 -8.55
N SER A 154 -3.23 -15.85 -7.96
CA SER A 154 -4.63 -15.93 -8.49
C SER A 154 -5.52 -14.96 -7.70
N GLN A 155 -5.98 -13.86 -8.35
CA GLN A 155 -6.60 -12.68 -7.64
C GLN A 155 -8.11 -12.92 -7.40
N ASP A 156 -8.39 -13.98 -6.63
CA ASP A 156 -9.72 -14.63 -6.44
C ASP A 156 -10.12 -14.49 -4.96
N ARG A 157 -9.22 -13.80 -4.19
CA ARG A 157 -9.51 -13.48 -2.77
C ARG A 157 -9.21 -11.94 -2.48
N VAL A 158 -9.76 -11.51 -1.35
CA VAL A 158 -9.27 -10.35 -0.53
C VAL A 158 -8.74 -10.79 0.87
N ILE A 159 -7.74 -10.08 1.38
CA ILE A 159 -7.35 -10.16 2.81
C ILE A 159 -7.47 -8.77 3.45
N GLY A 160 -8.18 -8.71 4.56
CA GLY A 160 -8.52 -7.47 5.27
C GLY A 160 -8.05 -7.61 6.68
N THR A 161 -7.74 -6.48 7.29
CA THR A 161 -7.12 -6.39 8.62
C THR A 161 -8.05 -5.56 9.46
N LYS A 162 -8.30 -6.07 10.67
CA LYS A 162 -9.04 -5.34 11.73
C LYS A 162 -8.22 -5.47 13.00
N GLY A 163 -7.46 -4.43 13.35
CA GLY A 163 -6.60 -4.43 14.54
C GLY A 163 -5.55 -5.53 14.41
N ASP A 164 -5.58 -6.48 15.34
CA ASP A 164 -4.65 -7.64 15.38
C ASP A 164 -5.15 -8.82 14.54
N ILE A 165 -6.28 -8.67 13.82
CA ILE A 165 -7.07 -9.84 13.22
C ILE A 165 -7.28 -9.78 11.67
N ALA A 166 -6.85 -10.86 11.01
CA ALA A 166 -6.81 -10.95 9.51
C ALA A 166 -7.99 -11.82 9.08
N HIS A 167 -8.73 -11.29 8.06
CA HIS A 167 -9.99 -11.86 7.47
C HIS A 167 -9.81 -12.12 5.96
N ILE A 168 -10.03 -13.35 5.52
CA ILE A 168 -9.84 -13.71 4.09
C ILE A 168 -11.25 -13.92 3.52
N TYR A 169 -11.51 -13.28 2.37
CA TYR A 169 -12.85 -13.31 1.72
C TYR A 169 -12.79 -13.84 0.27
N ASP A 170 -13.84 -14.56 -0.16
CA ASP A 170 -14.08 -15.05 -1.58
C ASP A 170 -14.68 -13.80 -2.43
N ILE A 171 -14.13 -13.50 -3.58
CA ILE A 171 -14.42 -12.26 -4.31
C ILE A 171 -15.83 -12.38 -4.92
N GLN A 172 -16.10 -13.56 -5.43
CA GLN A 172 -17.40 -13.87 -6.07
C GLN A 172 -18.64 -13.85 -5.10
N THR A 173 -18.49 -14.52 -3.92
CA THR A 173 -19.55 -14.52 -2.89
C THR A 173 -19.45 -13.34 -1.93
N GLY A 174 -18.22 -12.83 -1.65
CA GLY A 174 -17.98 -11.85 -0.56
C GLY A 174 -17.79 -12.55 0.81
N ASN A 175 -18.01 -13.87 0.82
CA ASN A 175 -18.11 -14.64 2.10
C ASN A 175 -16.66 -14.88 2.80
N LYS A 176 -16.75 -14.78 4.12
CA LYS A 176 -15.52 -14.74 4.99
C LYS A 176 -15.09 -16.21 5.13
N LEU A 177 -13.93 -16.60 4.60
CA LEU A 177 -13.51 -18.03 4.55
C LEU A 177 -12.67 -18.39 5.78
N LEU A 178 -11.99 -17.41 6.37
CA LEU A 178 -10.94 -17.63 7.41
C LEU A 178 -10.77 -16.37 8.26
N THR A 179 -10.57 -16.57 9.55
CA THR A 179 -10.12 -15.56 10.53
C THR A 179 -8.75 -16.06 11.00
N LEU A 180 -7.67 -15.29 10.83
CA LEU A 180 -6.34 -15.71 11.36
C LEU A 180 -5.95 -14.78 12.52
N PHE A 181 -5.92 -15.35 13.71
CA PHE A 181 -5.72 -14.62 14.97
C PHE A 181 -5.46 -15.63 16.09
N ASN A 182 -4.36 -15.42 16.82
CA ASN A 182 -4.02 -16.20 18.05
C ASN A 182 -3.50 -15.29 19.18
N PRO A 183 -4.33 -15.03 20.21
CA PRO A 183 -4.05 -13.98 21.20
C PRO A 183 -2.74 -14.19 21.95
N ASP A 184 -2.22 -15.41 21.97
CA ASP A 184 -0.96 -15.75 22.69
C ASP A 184 0.29 -15.47 21.84
N LEU A 185 0.18 -15.35 20.50
CA LEU A 185 1.30 -15.05 19.58
C LEU A 185 1.28 -13.60 19.10
N ALA A 186 0.25 -12.84 19.39
CA ALA A 186 0.07 -11.46 18.88
C ALA A 186 1.25 -10.57 19.27
N ASN A 187 1.63 -9.66 18.40
CA ASN A 187 2.59 -8.58 18.71
C ASN A 187 1.86 -7.26 19.00
N ASN A 188 0.59 -7.11 18.54
CA ASN A 188 -0.17 -5.85 18.73
C ASN A 188 0.56 -4.70 18.01
N TYR A 189 0.91 -4.89 16.71
CA TYR A 189 1.56 -3.82 15.92
C TYR A 189 0.51 -2.75 15.62
N LYS A 190 0.84 -1.47 15.87
CA LYS A 190 -0.14 -0.37 15.74
C LYS A 190 -0.47 -0.12 14.27
N ARG A 191 0.37 -0.50 13.30
CA ARG A 191 0.03 -0.33 11.86
C ARG A 191 0.02 -1.69 11.15
N ASN A 192 -0.57 -2.67 11.81
CA ASN A 192 -0.65 -4.05 11.27
C ASN A 192 -1.35 -4.04 9.92
N CYS A 193 -0.74 -4.66 8.92
CA CYS A 193 -1.30 -4.83 7.56
C CYS A 193 -1.08 -6.29 7.11
N ALA A 194 -2.15 -7.09 7.14
CA ALA A 194 -2.07 -8.51 6.76
C ALA A 194 -1.86 -8.60 5.24
N THR A 195 -1.05 -9.57 4.80
CA THR A 195 -0.64 -9.70 3.38
C THR A 195 -0.38 -11.16 3.05
N PHE A 196 -0.79 -11.56 1.84
CA PHE A 196 -0.44 -12.83 1.18
C PHE A 196 1.02 -12.79 0.73
N ASN A 197 1.70 -13.95 0.73
CA ASN A 197 2.96 -14.13 -0.02
C ASN A 197 2.63 -14.20 -1.51
N PRO A 198 3.66 -14.26 -2.38
CA PRO A 198 3.45 -14.29 -3.85
C PRO A 198 2.80 -15.56 -4.49
N THR A 199 2.58 -16.60 -3.66
CA THR A 199 1.89 -17.83 -4.14
C THR A 199 0.55 -18.04 -3.41
N ASP A 200 0.21 -17.11 -2.48
CA ASP A 200 -1.11 -17.11 -1.80
C ASP A 200 -1.19 -18.21 -0.76
N ASP A 201 -0.11 -18.94 -0.45
CA ASP A 201 -0.26 -20.15 0.44
C ASP A 201 0.21 -19.84 1.88
N LEU A 202 0.80 -18.61 2.01
CA LEU A 202 1.22 -18.06 3.34
C LEU A 202 0.77 -16.59 3.52
N VAL A 203 0.48 -16.25 4.78
CA VAL A 203 -0.05 -14.94 5.23
C VAL A 203 0.85 -14.50 6.36
N LEU A 204 1.22 -13.22 6.32
CA LEU A 204 1.87 -12.52 7.45
C LEU A 204 0.79 -11.62 8.04
N ASN A 205 0.52 -11.84 9.31
CA ASN A 205 -0.41 -11.02 10.04
C ASN A 205 0.11 -10.72 11.42
N ASP A 206 0.24 -9.44 11.75
CA ASP A 206 0.78 -8.98 13.07
C ASP A 206 2.08 -9.71 13.45
N GLY A 207 2.95 -10.01 12.49
CA GLY A 207 4.34 -10.55 12.78
C GLY A 207 4.30 -12.07 12.93
N VAL A 208 3.13 -12.67 12.66
CA VAL A 208 2.94 -14.15 12.64
C VAL A 208 2.80 -14.68 11.20
N LEU A 209 3.71 -15.58 10.83
CA LEU A 209 3.60 -16.33 9.55
C LEU A 209 2.55 -17.45 9.69
N TRP A 210 1.53 -17.46 8.82
CA TRP A 210 0.42 -18.45 8.82
C TRP A 210 0.34 -19.23 7.48
N ASP A 211 0.30 -20.60 7.74
CA ASP A 211 -0.08 -21.43 6.60
C ASP A 211 -1.62 -21.24 6.44
N VAL A 212 -1.98 -20.93 5.18
CA VAL A 212 -3.44 -20.77 4.78
C VAL A 212 -4.17 -22.18 4.85
N ARG A 213 -3.72 -23.19 4.10
CA ARG A 213 -4.55 -24.45 3.89
C ARG A 213 -4.88 -25.22 5.21
N SER A 214 -3.93 -25.06 6.15
CA SER A 214 -4.04 -25.67 7.48
C SER A 214 -4.74 -24.72 8.45
N ALA A 215 -4.58 -23.38 8.19
CA ALA A 215 -5.03 -22.33 9.13
C ALA A 215 -4.34 -22.56 10.48
N LEU A 216 -3.02 -22.77 10.37
CA LEU A 216 -2.05 -22.85 11.51
C LEU A 216 -0.99 -21.71 11.38
N ALA A 217 -0.57 -21.20 12.55
CA ALA A 217 0.62 -20.32 12.74
C ALA A 217 1.89 -21.21 12.69
N ILE A 218 2.83 -20.91 11.80
CA ILE A 218 4.06 -21.74 11.72
C ILE A 218 5.27 -21.06 12.38
N HIS A 219 5.28 -19.73 12.56
CA HIS A 219 6.37 -18.98 13.29
C HIS A 219 5.94 -17.56 13.66
N LYS A 220 6.19 -17.17 14.92
CA LYS A 220 6.02 -15.77 15.40
C LYS A 220 7.41 -15.13 15.38
N PHE A 221 7.58 -14.09 14.57
CA PHE A 221 8.76 -13.24 14.60
C PHE A 221 8.65 -12.35 15.84
N ASP A 222 9.76 -12.18 16.55
CA ASP A 222 9.78 -11.34 17.75
C ASP A 222 9.54 -9.89 17.34
N LYS A 223 9.03 -9.14 18.29
CA LYS A 223 8.71 -7.71 18.16
C LYS A 223 9.94 -6.82 18.46
N PHE A 224 10.31 -5.93 17.53
CA PHE A 224 11.50 -5.06 17.67
C PHE A 224 11.13 -3.60 17.38
N ASN A 225 9.86 -3.33 17.14
CA ASN A 225 9.33 -1.95 16.93
C ASN A 225 7.84 -1.97 17.29
N MET A 226 7.21 -0.79 17.31
CA MET A 226 5.83 -0.67 17.83
C MET A 226 4.85 -0.69 16.66
N ASN A 227 5.27 -0.41 15.44
CA ASN A 227 4.34 -0.01 14.35
C ASN A 227 4.28 -0.95 13.16
N ILE A 228 5.42 -1.34 12.58
CA ILE A 228 5.47 -1.96 11.24
C ILE A 228 5.40 -3.48 11.41
N SER A 229 4.57 -4.18 10.63
CA SER A 229 4.26 -5.62 10.81
C SER A 229 4.92 -6.50 9.74
N GLY A 230 5.18 -5.94 8.57
CA GLY A 230 6.08 -6.47 7.55
C GLY A 230 5.38 -6.91 6.28
N VAL A 231 6.17 -7.29 5.27
CA VAL A 231 5.82 -7.64 3.87
C VAL A 231 6.70 -8.81 3.41
N PHE A 232 6.24 -9.58 2.44
CA PHE A 232 7.02 -10.64 1.76
C PHE A 232 7.85 -9.94 0.71
N HIS A 233 9.09 -10.34 0.58
CA HIS A 233 9.83 -9.98 -0.65
C HIS A 233 8.97 -10.65 -1.78
N PRO A 234 8.95 -10.05 -2.97
CA PRO A 234 8.56 -10.81 -4.19
C PRO A 234 9.28 -12.17 -4.48
N ASN A 235 10.49 -12.46 -3.94
CA ASN A 235 11.24 -13.70 -4.35
C ASN A 235 10.71 -14.88 -3.54
N GLY A 236 9.85 -14.63 -2.58
CA GLY A 236 9.17 -15.73 -1.85
C GLY A 236 10.02 -16.34 -0.77
N LEU A 237 11.23 -15.81 -0.50
CA LEU A 237 12.27 -16.44 0.37
C LEU A 237 12.52 -15.63 1.66
N GLU A 238 12.18 -14.35 1.64
CA GLU A 238 12.52 -13.35 2.68
C GLU A 238 11.27 -12.58 3.09
N VAL A 239 11.31 -12.11 4.31
CA VAL A 239 10.27 -11.31 4.97
C VAL A 239 11.01 -10.07 5.50
N ILE A 240 10.44 -8.89 5.24
CA ILE A 240 10.99 -7.59 5.66
C ILE A 240 10.11 -7.01 6.75
N ILE A 241 10.58 -7.06 7.98
CA ILE A 241 9.78 -6.56 9.14
C ILE A 241 10.50 -5.39 9.79
N ASN A 242 10.08 -4.18 9.44
CA ASN A 242 10.83 -2.95 9.81
C ASN A 242 12.30 -3.10 9.33
N THR A 243 13.32 -3.07 10.22
CA THR A 243 14.79 -3.04 9.92
C THR A 243 15.34 -4.47 9.86
N GLU A 244 14.49 -5.50 10.09
CA GLU A 244 14.95 -6.92 10.11
C GLU A 244 14.57 -7.59 8.78
N ILE A 245 15.50 -8.26 8.12
CA ILE A 245 15.23 -9.16 6.97
C ILE A 245 15.42 -10.61 7.46
N TRP A 246 14.36 -11.41 7.45
CA TRP A 246 14.37 -12.80 7.94
C TRP A 246 14.30 -13.77 6.75
N ASP A 247 15.12 -14.82 6.82
CA ASP A 247 15.03 -16.05 5.99
C ASP A 247 13.64 -16.72 6.43
N LEU A 248 12.98 -17.21 5.37
CA LEU A 248 11.80 -18.10 5.54
C LEU A 248 12.21 -19.58 5.67
N ARG A 249 13.49 -19.95 5.49
CA ARG A 249 13.87 -21.39 5.59
C ARG A 249 14.38 -21.74 6.99
N THR A 250 15.04 -20.79 7.65
CA THR A 250 15.78 -20.99 8.92
C THR A 250 15.25 -20.09 10.04
N PHE A 251 14.50 -19.05 9.66
CA PHE A 251 14.07 -17.93 10.53
C PHE A 251 15.29 -17.23 11.12
N HIS A 252 16.44 -17.26 10.43
CA HIS A 252 17.66 -16.50 10.85
C HIS A 252 17.46 -15.03 10.39
N LEU A 253 18.01 -14.07 11.12
CA LEU A 253 18.26 -12.67 10.58
C LEU A 253 19.36 -12.72 9.46
N LEU A 254 19.05 -12.28 8.23
CA LEU A 254 19.99 -12.17 7.07
C LEU A 254 20.68 -10.80 7.03
N HIS A 255 19.96 -9.72 7.31
CA HIS A 255 20.41 -8.32 7.15
C HIS A 255 19.71 -7.48 8.23
N THR A 256 20.45 -6.48 8.70
CA THR A 256 19.99 -5.31 9.47
C THR A 256 20.01 -4.07 8.55
N VAL A 257 18.93 -3.35 8.41
CA VAL A 257 18.90 -2.13 7.55
C VAL A 257 18.30 -0.98 8.36
N PRO A 258 19.14 -0.25 9.12
CA PRO A 258 18.67 0.81 10.00
C PRO A 258 17.88 1.97 9.37
N ALA A 259 18.14 2.18 8.07
CA ALA A 259 17.44 3.19 7.23
C ALA A 259 15.99 2.80 6.97
N LEU A 260 15.63 1.53 7.14
CA LEU A 260 14.23 1.11 6.85
C LEU A 260 13.31 1.45 8.04
N ASP A 261 13.86 1.97 9.16
CA ASP A 261 13.08 2.12 10.43
C ASP A 261 11.84 2.97 10.17
N GLN A 262 10.67 2.41 10.51
CA GLN A 262 9.34 3.06 10.38
C GLN A 262 9.01 3.34 8.91
N CYS A 263 9.57 2.62 7.94
CA CYS A 263 9.23 2.83 6.49
C CYS A 263 8.11 1.89 5.99
N ARG A 264 7.31 2.43 5.09
CA ARG A 264 6.47 1.63 4.17
C ARG A 264 7.35 1.36 2.95
N VAL A 265 7.26 0.14 2.47
CA VAL A 265 8.18 -0.41 1.45
C VAL A 265 7.37 -0.73 0.21
N VAL A 266 7.86 -0.38 -0.97
CA VAL A 266 7.28 -0.81 -2.25
C VAL A 266 8.41 -1.29 -3.16
N PHE A 267 8.18 -2.36 -3.91
CA PHE A 267 9.11 -2.93 -4.92
C PHE A 267 8.71 -2.46 -6.32
N ASN A 268 9.69 -2.37 -7.23
CA ASN A 268 9.41 -2.28 -8.68
C ASN A 268 8.72 -3.62 -9.04
N HIS A 269 8.25 -3.76 -10.30
CA HIS A 269 7.56 -4.97 -10.85
CA HIS A 269 7.51 -5.00 -10.68
C HIS A 269 8.49 -6.18 -10.86
N THR A 270 9.72 -6.00 -11.33
CA THR A 270 10.71 -7.13 -11.45
C THR A 270 11.27 -7.50 -10.06
N GLY A 271 11.10 -6.63 -9.08
CA GLY A 271 11.52 -6.87 -7.68
C GLY A 271 13.02 -6.82 -7.53
N THR A 272 13.73 -5.94 -8.26
CA THR A 272 15.20 -5.70 -8.15
C THR A 272 15.55 -4.39 -7.40
N VAL A 273 14.54 -3.53 -7.22
CA VAL A 273 14.67 -2.23 -6.52
C VAL A 273 13.55 -2.13 -5.48
N MET A 274 13.85 -1.52 -4.32
CA MET A 274 12.93 -1.37 -3.14
C MET A 274 12.96 0.09 -2.70
N TYR A 275 11.80 0.73 -2.61
CA TYR A 275 11.62 2.13 -2.16
C TYR A 275 10.94 2.15 -0.78
N GLY A 276 11.47 2.99 0.12
CA GLY A 276 10.96 3.18 1.49
C GLY A 276 10.70 4.64 1.80
N ALA A 277 9.54 4.97 2.37
CA ALA A 277 9.23 6.31 2.89
C ALA A 277 8.82 6.19 4.36
N MET A 278 9.40 7.01 5.23
CA MET A 278 9.44 6.86 6.72
C MET A 278 8.19 7.54 7.28
N LEU A 279 7.47 6.88 8.17
CA LEU A 279 6.33 7.49 8.92
C LEU A 279 6.82 8.74 9.67
N GLN A 280 5.90 9.70 9.86
CA GLN A 280 5.99 10.83 10.85
C GLN A 280 5.97 10.28 12.30
N ALA A 281 6.78 10.87 13.19
CA ALA A 281 6.82 10.61 14.65
C ALA A 281 5.70 11.43 15.34
N MET A 292 -4.77 16.19 5.66
CA MET A 292 -4.64 16.17 7.14
C MET A 292 -3.15 16.17 7.56
N LYS A 293 -2.83 15.41 8.62
CA LYS A 293 -1.45 15.02 8.98
C LYS A 293 -0.94 14.02 7.92
N SER A 294 0.21 14.37 7.31
CA SER A 294 1.02 13.53 6.38
C SER A 294 1.44 12.25 7.10
N PRO A 295 1.15 11.07 6.52
CA PRO A 295 1.55 9.80 7.13
C PRO A 295 3.07 9.54 7.04
N PHE A 296 3.81 10.18 6.12
CA PHE A 296 5.31 10.06 6.08
C PHE A 296 5.97 11.44 6.16
N GLY A 297 7.32 11.45 6.26
CA GLY A 297 8.19 12.64 6.23
C GLY A 297 8.54 13.02 4.80
N SER A 298 9.57 13.84 4.61
CA SER A 298 9.84 14.51 3.33
C SER A 298 10.83 13.71 2.45
N SER A 299 11.27 12.51 2.86
CA SER A 299 12.40 11.84 2.16
C SER A 299 12.05 10.39 1.82
N PHE A 300 12.54 9.89 0.70
CA PHE A 300 12.38 8.44 0.39
C PHE A 300 13.77 7.90 0.11
N ARG A 301 13.93 6.62 0.38
N ARG A 301 13.96 6.61 0.35
CA ARG A 301 15.18 5.85 0.25
CA ARG A 301 15.25 5.88 0.26
C ARG A 301 14.92 4.86 -0.89
C ARG A 301 15.02 4.71 -0.69
N THR A 302 16.00 4.45 -1.58
CA THR A 302 15.89 3.36 -2.56
C THR A 302 17.03 2.42 -2.27
N PHE A 303 16.76 1.13 -2.36
CA PHE A 303 17.68 0.02 -2.06
C PHE A 303 17.71 -0.98 -3.20
N ASN A 304 18.89 -1.51 -3.47
CA ASN A 304 19.06 -2.74 -4.28
C ASN A 304 18.41 -3.91 -3.52
N ALA A 305 17.40 -4.56 -4.17
CA ALA A 305 16.51 -5.56 -3.53
C ALA A 305 17.20 -6.91 -3.31
N THR A 306 18.34 -7.16 -3.94
CA THR A 306 19.09 -8.45 -3.86
C THR A 306 20.20 -8.48 -2.71
N ASP A 307 20.76 -7.29 -2.39
CA ASP A 307 21.74 -7.15 -1.25
C ASP A 307 21.40 -6.03 -0.25
N TYR A 308 20.36 -5.22 -0.44
CA TYR A 308 19.91 -4.19 0.53
C TYR A 308 21.00 -3.09 0.76
N LYS A 309 21.85 -2.88 -0.25
CA LYS A 309 22.76 -1.71 -0.26
C LYS A 309 22.03 -0.48 -0.83
N PRO A 310 22.13 0.70 -0.15
CA PRO A 310 21.44 1.92 -0.56
C PRO A 310 21.90 2.34 -1.97
N ILE A 311 20.97 2.84 -2.78
CA ILE A 311 21.25 3.41 -4.10
C ILE A 311 21.13 4.93 -4.00
N ALA A 312 20.05 5.42 -3.39
CA ALA A 312 19.77 6.87 -3.30
C ALA A 312 18.97 7.20 -2.03
N THR A 313 19.23 8.41 -1.53
CA THR A 313 18.39 9.12 -0.54
C THR A 313 17.90 10.41 -1.20
N ILE A 314 16.58 10.53 -1.45
CA ILE A 314 15.97 11.75 -2.02
C ILE A 314 15.23 12.47 -0.88
N ASP A 315 15.54 13.75 -0.66
CA ASP A 315 14.67 14.68 0.08
C ASP A 315 13.95 15.53 -0.96
N VAL A 316 12.62 15.41 -1.06
CA VAL A 316 11.78 16.25 -1.98
C VAL A 316 11.51 17.62 -1.26
N LYS A 317 11.70 17.58 0.09
CA LYS A 317 11.51 18.73 1.03
C LYS A 317 10.03 19.06 1.23
N ARG A 318 9.17 18.03 1.19
CA ARG A 318 7.69 18.10 1.28
C ARG A 318 7.12 16.70 1.74
N ASN A 319 6.29 16.69 2.76
CA ASN A 319 5.85 15.41 3.39
C ASN A 319 5.02 14.54 2.38
N ILE A 320 5.39 13.24 2.43
CA ILE A 320 4.99 12.26 1.41
C ILE A 320 3.74 11.56 1.94
N PHE A 321 2.76 11.31 1.08
CA PHE A 321 1.46 10.64 1.39
C PHE A 321 1.50 9.23 0.80
N ASP A 322 2.18 9.03 -0.32
CA ASP A 322 2.19 7.69 -0.97
C ASP A 322 3.28 7.64 -2.07
N LEU A 323 3.65 6.45 -2.51
CA LEU A 323 4.52 6.29 -3.69
C LEU A 323 4.16 4.94 -4.30
N CYS A 324 4.24 4.79 -5.61
CA CYS A 324 3.90 3.51 -6.30
C CYS A 324 4.59 3.46 -7.66
N THR A 325 4.74 2.26 -8.21
CA THR A 325 5.55 1.84 -9.42
C THR A 325 4.57 1.38 -10.51
N ASP A 326 4.85 1.68 -11.78
CA ASP A 326 4.16 1.10 -12.96
C ASP A 326 4.54 -0.38 -13.10
N THR A 327 3.96 -1.08 -14.10
CA THR A 327 4.19 -2.54 -14.30
C THR A 327 5.51 -2.81 -15.03
N LYS A 328 6.12 -1.78 -15.63
CA LYS A 328 7.29 -1.92 -16.55
C LYS A 328 8.56 -1.31 -15.96
N ASP A 329 8.60 -1.06 -14.66
CA ASP A 329 9.81 -0.57 -13.93
C ASP A 329 10.38 0.72 -14.61
N CYS A 330 9.48 1.56 -15.16
CA CYS A 330 9.83 2.86 -15.80
C CYS A 330 9.71 4.07 -14.88
N TYR A 331 8.69 4.08 -14.03
CA TYR A 331 8.20 5.26 -13.30
C TYR A 331 8.07 4.91 -11.81
N LEU A 332 8.28 6.01 -11.04
CA LEU A 332 7.81 6.20 -9.66
C LEU A 332 6.83 7.38 -9.62
N ALA A 333 5.62 7.22 -9.06
CA ALA A 333 4.71 8.35 -8.78
C ALA A 333 4.66 8.54 -7.25
N VAL A 334 4.76 9.79 -6.80
CA VAL A 334 4.86 10.19 -5.38
C VAL A 334 3.82 11.28 -5.14
N ILE A 335 3.04 11.17 -4.06
CA ILE A 335 2.16 12.26 -3.58
CA ILE A 335 2.18 12.29 -3.60
C ILE A 335 2.88 13.07 -2.49
N GLU A 336 3.02 14.35 -2.72
CA GLU A 336 3.76 15.24 -1.84
C GLU A 336 2.66 16.29 -1.31
N ASN A 337 2.76 16.65 -0.11
CA ASN A 337 2.07 17.85 0.42
C ASN A 337 2.91 19.14 0.33
N GLN A 338 2.39 20.23 -0.31
CA GLN A 338 3.11 21.60 -0.33
C GLN A 338 2.78 22.29 1.02
N GLY A 339 1.63 22.06 1.65
CA GLY A 339 1.36 22.60 3.00
C GLY A 339 2.21 21.93 4.09
N SER A 340 2.33 22.56 5.28
CA SER A 340 2.67 21.94 6.60
C SER A 340 1.39 21.37 7.28
N MET A 341 1.63 20.41 8.22
CA MET A 341 0.55 19.73 9.01
C MET A 341 -0.36 20.79 9.64
N ASP A 342 0.25 21.89 10.15
CA ASP A 342 -0.40 23.00 10.89
C ASP A 342 -1.33 23.81 9.97
N ALA A 343 -1.17 23.70 8.65
CA ALA A 343 -1.92 24.51 7.66
C ALA A 343 -3.43 24.27 7.83
N LEU A 344 -4.24 25.30 7.55
CA LEU A 344 -5.74 25.21 7.49
C LEU A 344 -6.12 23.92 6.76
N ASN A 345 -5.50 23.70 5.60
CA ASN A 345 -5.85 22.60 4.67
C ASN A 345 -4.59 21.99 4.05
N MET A 346 -4.73 20.73 3.65
CA MET A 346 -3.91 20.02 2.64
C MET A 346 -3.63 20.90 1.38
N ASP A 347 -2.47 20.61 0.76
CA ASP A 347 -2.20 20.99 -0.70
C ASP A 347 -1.21 20.03 -1.37
N THR A 348 -1.65 18.86 -1.79
CA THR A 348 -0.76 17.81 -2.30
C THR A 348 -0.63 18.07 -3.88
N VAL A 349 0.48 17.57 -4.38
CA VAL A 349 0.61 17.30 -5.85
C VAL A 349 0.91 15.74 -5.96
N CYS A 350 0.74 15.27 -7.19
CA CYS A 350 1.44 14.06 -7.72
C CYS A 350 2.65 14.45 -8.61
N ARG A 351 3.81 13.85 -8.34
CA ARG A 351 4.99 13.93 -9.20
C ARG A 351 5.17 12.53 -9.79
N LEU A 352 5.66 12.57 -11.14
CA LEU A 352 6.06 11.36 -11.89
C LEU A 352 7.55 11.44 -12.25
N TYR A 353 8.31 10.43 -11.83
CA TYR A 353 9.78 10.43 -12.00
C TYR A 353 10.11 9.28 -12.95
N GLU A 354 10.93 9.58 -13.96
CA GLU A 354 11.63 8.49 -14.69
C GLU A 354 12.70 7.99 -13.67
N VAL A 355 12.81 6.61 -13.63
CA VAL A 355 13.85 5.87 -12.85
C VAL A 355 14.74 5.04 -13.79
N GLY A 356 14.15 4.23 -14.68
CA GLY A 356 14.86 3.46 -15.73
C GLY A 356 14.47 3.94 -17.11
C2 LQH B . -1.58 4.91 4.67
C3 LQH B . -1.89 6.44 2.95
C11 LQH B . -1.72 2.44 4.27
C12 LQH B . -2.58 7.09 5.26
C13 LQH B . -2.89 8.74 3.45
C14 LQH B . -0.05 1.87 6.42
C16 LQH B . -1.39 1.12 4.56
C17 LQH B . -3.11 7.99 6.21
C18 LQH B . -3.41 9.65 4.42
C19 LQH B . -0.55 0.83 5.64
C20 LQH B . -3.52 9.27 5.77
N1 LQH B . -1.38 5.33 3.43
C4 LQH B . -0.58 4.65 2.40
C5 LQH B . -1.20 3.48 5.05
C6 LQH B . -2.15 5.68 5.64
C7 LQH B . -2.49 7.47 3.89
N8 LQH B . -1.83 6.59 1.69
C9 LQH B . -1.17 5.38 1.16
C10 LQH B . -0.36 3.21 6.14
F15 LQH B . 0.14 4.20 6.88
C2 LQH C . 10.07 -23.35 6.27
C3 LQH C . 11.08 -23.18 4.18
C11 LQH C . 8.85 -24.01 8.41
C12 LQH C . 9.09 -21.75 4.61
C13 LQH C . 10.12 -21.55 2.41
C14 LQH C . 11.20 -24.96 9.59
C16 LQH C . 8.81 -24.54 9.71
C17 LQH C . 8.14 -20.79 4.25
C18 LQH C . 9.17 -20.59 2.04
C19 LQH C . 9.99 -25.01 10.30
C20 LQH C . 8.18 -20.21 2.97
N1 LQH C . 10.96 -23.73 5.36
C4 LQH C . 11.92 -24.81 5.50
C5 LQH C . 10.04 -23.95 7.68
C6 LQH C . 9.13 -22.41 5.98
C7 LQH C . 10.09 -22.13 3.69
N8 LQH C . 12.07 -23.55 3.47
C9 LQH C . 12.80 -24.55 4.24
C10 LQH C . 11.23 -24.43 8.29
F15 LQH C . 12.38 -24.39 7.64
C ACT D . -20.31 6.38 2.08
O ACT D . -19.23 6.46 2.75
OXT ACT D . -21.41 5.94 2.53
CH3 ACT D . -20.28 6.84 0.62
H1 ACT D . -21.14 6.68 0.21
H2 ACT D . -19.60 6.35 0.14
H3 ACT D . -20.08 7.79 0.58
#